data_9RQG
#
_entry.id   9RQG
#
_cell.length_a   68.170
_cell.length_b   89.896
_cell.length_c   44.954
_cell.angle_alpha   90.000
_cell.angle_beta   90.000
_cell.angle_gamma   90.000
#
_symmetry.space_group_name_H-M   'P 21 21 2'
#
loop_
_entity.id
_entity.type
_entity.pdbx_description
1 polymer 'FosA family fosfomycin resistance glutathione transferase'
2 non-polymer ~{N}-(4-hydroxyphenyl)-2-pyrazol-1-yl-ethanamide
3 non-polymer 1,2-ETHANEDIOL
4 non-polymer 'MANGANESE (II) ION'
5 non-polymer 'DIMETHYL SULFOXIDE'
6 water water
#
_entity_poly.entity_id   1
_entity_poly.type   'polypeptide(L)'
_entity_poly.pdbx_seq_one_letter_code
;MLSGLNHLTLAVSQLAPSVAFYQQLLGMTLHARWDSGAYLSCGDLWLCLSLDPQRRVTPPEESDYTHYAFSISEADFASF
AARLEAAGVAVWKLNRSEGASHYFLDPDGHKLELHVGSLAQRLAACREQPYKGMVFFEQHHHHHH
;
_entity_poly.pdbx_strand_id   A,B
#
# COMPACT_ATOMS: atom_id res chain seq x y z
N MET A 1 -11.69 -0.96 -15.90
CA MET A 1 -10.20 -0.87 -15.79
C MET A 1 -9.78 -0.24 -14.46
N LEU A 2 -8.76 -0.80 -13.84
CA LEU A 2 -8.22 -0.24 -12.61
C LEU A 2 -7.30 0.91 -12.97
N SER A 3 -7.35 1.97 -12.18
N SER A 3 -7.35 1.97 -12.20
CA SER A 3 -6.66 3.20 -12.56
CA SER A 3 -6.43 3.08 -12.43
C SER A 3 -5.62 3.67 -11.55
C SER A 3 -6.03 3.70 -11.10
N GLY A 4 -5.39 2.95 -10.46
N GLY A 4 -4.88 3.28 -10.61
CA GLY A 4 -4.34 3.28 -9.52
CA GLY A 4 -4.33 3.88 -9.43
C GLY A 4 -4.73 2.87 -8.13
C GLY A 4 -4.82 3.20 -8.16
N LEU A 5 -4.05 3.41 -7.13
CA LEU A 5 -4.37 3.08 -5.76
C LEU A 5 -5.37 4.11 -5.26
N ASN A 6 -6.54 3.64 -4.88
CA ASN A 6 -7.57 4.49 -4.30
C ASN A 6 -7.20 4.92 -2.88
N HIS A 7 -6.78 3.96 -2.06
CA HIS A 7 -6.30 4.23 -0.71
C HIS A 7 -5.48 3.07 -0.20
N LEU A 8 -4.63 3.41 0.77
CA LEU A 8 -3.87 2.46 1.58
C LEU A 8 -4.44 2.48 2.98
N THR A 9 -4.84 1.34 3.50
CA THR A 9 -5.32 1.23 4.87
C THR A 9 -4.36 0.39 5.68
N LEU A 10 -3.86 0.97 6.76
CA LEU A 10 -2.98 0.28 7.70
C LEU A 10 -3.75 0.01 8.98
N ALA A 11 -3.73 -1.25 9.41
CA ALA A 11 -4.26 -1.59 10.71
C ALA A 11 -3.26 -1.16 11.78
N VAL A 12 -3.76 -0.53 12.82
CA VAL A 12 -2.89 -0.04 13.89
C VAL A 12 -3.40 -0.54 15.24
N SER A 13 -2.48 -0.75 16.18
CA SER A 13 -2.87 -1.24 17.50
C SER A 13 -3.23 -0.12 18.48
N GLN A 14 -2.64 1.06 18.31
CA GLN A 14 -2.89 2.22 19.17
C GLN A 14 -3.03 3.43 18.27
N LEU A 15 -4.22 4.02 18.22
CA LEU A 15 -4.50 5.01 17.21
C LEU A 15 -3.68 6.28 17.40
N ALA A 16 -3.64 6.81 18.62
CA ALA A 16 -2.99 8.11 18.81
C ALA A 16 -1.51 8.09 18.45
N PRO A 17 -0.72 7.11 18.90
CA PRO A 17 0.70 7.09 18.50
C PRO A 17 0.89 6.93 17.01
N SER A 18 -0.01 6.20 16.35
N SER A 18 -0.01 6.18 16.36
CA SER A 18 0.11 6.05 14.90
CA SER A 18 0.09 6.05 14.91
C SER A 18 -0.25 7.35 14.17
C SER A 18 -0.20 7.38 14.23
N VAL A 19 -1.30 8.04 14.60
CA VAL A 19 -1.58 9.34 14.01
C VAL A 19 -0.40 10.28 14.20
N ALA A 20 0.17 10.30 15.40
CA ALA A 20 1.31 11.17 15.66
C ALA A 20 2.48 10.83 14.75
N PHE A 21 2.74 9.54 14.52
CA PHE A 21 3.83 9.15 13.66
C PHE A 21 3.64 9.66 12.25
N TYR A 22 2.48 9.41 11.65
CA TYR A 22 2.26 9.82 10.26
C TYR A 22 2.12 11.33 10.09
N GLN A 23 1.44 11.97 11.02
CA GLN A 23 1.22 13.41 10.93
C GLN A 23 2.43 14.19 11.43
N GLN A 24 2.82 13.99 12.69
CA GLN A 24 3.88 14.81 13.26
C GLN A 24 5.25 14.42 12.69
N LEU A 25 5.59 13.16 12.71
CA LEU A 25 6.93 12.75 12.34
C LEU A 25 7.12 12.75 10.84
N LEU A 26 6.19 12.18 10.10
CA LEU A 26 6.34 12.10 8.65
C LEU A 26 5.76 13.28 7.91
N GLY A 27 4.97 14.14 8.56
CA GLY A 27 4.50 15.35 7.93
C GLY A 27 3.28 15.21 7.05
N MET A 28 2.56 14.10 7.14
CA MET A 28 1.36 13.95 6.34
C MET A 28 0.25 14.83 6.88
N THR A 29 -0.76 15.07 6.06
CA THR A 29 -1.86 15.95 6.41
C THR A 29 -2.98 15.15 7.07
N LEU A 30 -3.34 15.51 8.28
CA LEU A 30 -4.45 14.88 8.98
C LEU A 30 -5.75 15.60 8.60
N HIS A 31 -6.72 14.87 8.07
CA HIS A 31 -8.01 15.43 7.70
C HIS A 31 -9.10 15.15 8.71
N ALA A 32 -9.10 13.98 9.32
CA ALA A 32 -10.13 13.64 10.28
C ALA A 32 -9.64 12.49 11.13
N ARG A 33 -10.20 12.40 12.34
N ARG A 33 -10.15 12.43 12.35
CA ARG A 33 -9.85 11.35 13.29
CA ARG A 33 -9.92 11.28 13.21
C ARG A 33 -11.07 11.04 14.14
C ARG A 33 -11.20 10.99 13.96
N TRP A 34 -11.36 9.75 14.36
CA TRP A 34 -12.53 9.31 15.12
C TRP A 34 -12.08 8.21 16.07
N ASP A 35 -13.01 7.62 16.80
CA ASP A 35 -12.61 6.74 17.86
C ASP A 35 -11.86 5.52 17.35
N SER A 36 -12.07 5.14 16.09
N SER A 36 -12.06 5.11 16.10
CA SER A 36 -11.52 3.92 15.54
CA SER A 36 -11.40 3.91 15.60
C SER A 36 -10.65 4.11 14.31
C SER A 36 -10.69 4.12 14.26
N GLY A 37 -10.31 5.34 13.95
CA GLY A 37 -9.49 5.53 12.76
C GLY A 37 -9.11 6.96 12.50
N ALA A 38 -8.40 7.14 11.39
CA ALA A 38 -8.00 8.47 10.94
C ALA A 38 -7.82 8.44 9.43
N TYR A 39 -8.07 9.58 8.81
CA TYR A 39 -7.80 9.80 7.39
C TYR A 39 -6.71 10.87 7.25
N LEU A 40 -5.66 10.53 6.50
CA LEU A 40 -4.58 11.43 6.18
C LEU A 40 -4.34 11.44 4.68
N SER A 41 -3.65 12.46 4.20
CA SER A 41 -3.16 12.43 2.84
C SER A 41 -1.68 12.74 2.81
N CYS A 42 -1.04 12.23 1.77
CA CYS A 42 0.37 12.46 1.50
C CYS A 42 0.42 12.70 0.00
N GLY A 43 0.45 13.96 -0.40
CA GLY A 43 0.22 14.27 -1.81
C GLY A 43 -1.14 13.74 -2.20
N ASP A 44 -1.18 12.97 -3.29
N ASP A 44 -1.16 12.96 -3.28
CA ASP A 44 -2.41 12.37 -3.77
CA ASP A 44 -2.39 12.35 -3.78
C ASP A 44 -2.81 11.13 -2.98
C ASP A 44 -2.72 11.03 -3.12
N LEU A 45 -1.93 10.55 -2.16
CA LEU A 45 -2.26 9.33 -1.44
C LEU A 45 -3.28 9.57 -0.33
N TRP A 46 -4.34 8.77 -0.33
CA TRP A 46 -5.28 8.67 0.78
C TRP A 46 -4.81 7.52 1.66
N LEU A 47 -4.38 7.87 2.87
CA LEU A 47 -3.99 6.92 3.90
C LEU A 47 -5.07 6.83 4.96
N CYS A 48 -5.49 5.61 5.26
N CYS A 48 -5.51 5.61 5.27
CA CYS A 48 -6.39 5.33 6.36
CA CYS A 48 -6.43 5.39 6.38
C CYS A 48 -5.60 4.61 7.42
C CYS A 48 -5.73 4.56 7.44
N LEU A 49 -5.73 5.05 8.68
CA LEU A 49 -5.28 4.29 9.84
C LEU A 49 -6.51 3.72 10.50
N SER A 50 -6.57 2.41 10.66
CA SER A 50 -7.74 1.75 11.20
C SER A 50 -7.38 1.00 12.48
N LEU A 51 -8.00 1.38 13.59
CA LEU A 51 -7.73 0.74 14.87
C LEU A 51 -8.21 -0.70 14.79
N ASP A 52 -7.33 -1.67 14.99
CA ASP A 52 -7.69 -3.06 14.82
C ASP A 52 -7.14 -3.82 16.02
N PRO A 53 -8.00 -4.41 16.86
CA PRO A 53 -7.48 -5.24 17.97
C PRO A 53 -6.66 -6.43 17.52
N GLN A 54 -6.76 -6.83 16.26
N GLN A 54 -6.74 -6.83 16.25
CA GLN A 54 -5.95 -7.92 15.73
CA GLN A 54 -5.94 -7.94 15.75
C GLN A 54 -4.52 -7.51 15.39
C GLN A 54 -4.59 -7.50 15.18
N ARG A 55 -4.25 -6.22 15.21
CA ARG A 55 -2.91 -5.79 14.83
C ARG A 55 -1.91 -6.05 15.93
N ARG A 56 -0.82 -6.70 15.58
CA ARG A 56 0.27 -6.93 16.51
C ARG A 56 1.47 -6.09 16.12
N VAL A 57 2.22 -5.68 17.15
CA VAL A 57 3.49 -5.01 16.93
C VAL A 57 4.45 -6.09 16.48
N THR A 58 4.95 -5.97 15.25
CA THR A 58 5.61 -7.09 14.60
C THR A 58 7.06 -6.78 14.29
N PRO A 59 8.01 -7.51 14.87
CA PRO A 59 9.41 -7.26 14.52
C PRO A 59 9.68 -7.60 13.06
N PRO A 60 10.64 -6.93 12.44
CA PRO A 60 10.80 -7.03 11.00
C PRO A 60 11.29 -8.40 10.56
N GLU A 61 11.92 -9.17 11.44
CA GLU A 61 12.33 -10.51 11.09
C GLU A 61 11.16 -11.48 11.06
N GLU A 62 10.00 -11.09 11.56
N GLU A 62 10.00 -11.09 11.58
CA GLU A 62 8.83 -11.96 11.58
CA GLU A 62 8.79 -11.90 11.63
C GLU A 62 7.72 -11.46 10.65
C GLU A 62 7.83 -11.60 10.49
N SER A 63 8.03 -10.52 9.75
CA SER A 63 7.15 -10.19 8.64
C SER A 63 7.89 -10.35 7.31
N ASP A 64 7.10 -10.54 6.26
CA ASP A 64 7.64 -10.65 4.92
C ASP A 64 8.02 -9.27 4.38
N TYR A 65 8.46 -9.24 3.13
CA TYR A 65 9.01 -8.05 2.49
C TYR A 65 7.95 -7.04 2.03
N THR A 66 6.66 -7.28 2.26
CA THR A 66 5.63 -6.31 1.86
C THR A 66 5.97 -4.96 2.51
N HIS A 67 5.95 -3.89 1.73
CA HIS A 67 6.33 -2.58 2.25
C HIS A 67 5.74 -1.47 1.41
N TYR A 68 5.79 -0.26 1.96
CA TYR A 68 5.12 0.92 1.43
C TYR A 68 6.16 2.03 1.35
N ALA A 69 6.44 2.49 0.14
CA ALA A 69 7.45 3.51 -0.08
C ALA A 69 6.79 4.85 -0.40
N PHE A 70 7.34 5.92 0.17
CA PHE A 70 6.88 7.29 -0.01
C PHE A 70 7.93 8.06 -0.80
N SER A 71 7.45 8.91 -1.71
CA SER A 71 8.32 9.71 -2.53
C SER A 71 8.87 10.89 -1.78
N ILE A 72 10.14 11.18 -2.03
CA ILE A 72 10.82 12.34 -1.50
C ILE A 72 11.83 12.80 -2.54
N SER A 73 12.10 14.09 -2.55
CA SER A 73 13.03 14.63 -3.54
C SER A 73 14.46 14.29 -3.17
N GLU A 74 15.32 14.36 -4.18
CA GLU A 74 16.74 14.17 -3.96
C GLU A 74 17.28 15.20 -2.97
N ALA A 75 16.80 16.45 -3.02
CA ALA A 75 17.30 17.48 -2.11
C ALA A 75 16.90 17.24 -0.66
N ASP A 76 15.76 16.59 -0.41
CA ASP A 76 15.25 16.41 0.94
C ASP A 76 15.58 15.05 1.56
N PHE A 77 15.99 14.07 0.75
CA PHE A 77 16.09 12.68 1.19
C PHE A 77 16.99 12.51 2.40
N ALA A 78 18.23 12.96 2.30
CA ALA A 78 19.21 12.64 3.34
C ALA A 78 18.85 13.28 4.67
N SER A 79 18.40 14.53 4.66
N SER A 79 18.43 14.55 4.64
CA SER A 79 18.12 15.16 5.94
CA SER A 79 18.06 15.23 5.88
C SER A 79 16.87 14.57 6.60
C SER A 79 16.92 14.48 6.57
N PHE A 80 15.90 14.12 5.79
CA PHE A 80 14.71 13.46 6.35
C PHE A 80 15.08 12.11 6.95
N ALA A 81 15.87 11.31 6.24
CA ALA A 81 16.35 10.05 6.79
C ALA A 81 17.15 10.27 8.06
N ALA A 82 18.02 11.29 8.08
CA ALA A 82 18.84 11.51 9.28
C ALA A 82 17.97 11.95 10.45
N ARG A 83 16.92 12.71 10.19
CA ARG A 83 16.00 13.12 11.25
C ARG A 83 15.26 11.92 11.83
N LEU A 84 14.80 10.99 10.98
CA LEU A 84 14.18 9.79 11.50
C LEU A 84 15.15 9.00 12.37
N GLU A 85 16.41 8.85 11.90
CA GLU A 85 17.42 8.15 12.68
C GLU A 85 17.63 8.81 14.02
N ALA A 86 17.76 10.14 14.03
CA ALA A 86 18.01 10.82 15.29
C ALA A 86 16.81 10.72 16.23
N ALA A 87 15.61 10.57 15.68
CA ALA A 87 14.42 10.40 16.50
C ALA A 87 14.24 8.98 17.02
N GLY A 88 15.14 8.07 16.68
CA GLY A 88 15.07 6.72 17.19
C GLY A 88 14.17 5.79 16.42
N VAL A 89 13.78 6.14 15.19
CA VAL A 89 12.90 5.29 14.41
C VAL A 89 13.66 4.04 13.97
N ALA A 90 13.07 2.88 14.25
CA ALA A 90 13.69 1.58 13.98
C ALA A 90 13.76 1.34 12.49
N VAL A 91 14.70 0.47 12.13
N VAL A 91 14.75 0.52 12.10
CA VAL A 91 14.93 0.21 10.73
CA VAL A 91 15.09 0.30 10.69
C VAL A 91 14.71 -1.26 10.45
C VAL A 91 15.13 -1.19 10.41
N TRP A 92 14.75 -1.56 9.19
CA TRP A 92 14.59 -2.94 8.82
C TRP A 92 15.47 -3.32 7.64
N LYS A 93 16.10 -2.38 6.96
CA LYS A 93 16.97 -2.79 5.88
C LYS A 93 18.03 -1.72 5.61
N LEU A 94 19.23 -2.15 5.24
CA LEU A 94 20.33 -1.22 5.01
C LEU A 94 20.84 -1.22 3.57
N ASN A 95 20.83 -2.36 2.90
CA ASN A 95 21.40 -2.46 1.56
C ASN A 95 20.45 -1.84 0.54
N ARG A 96 20.96 -0.89 -0.24
CA ARG A 96 20.16 -0.19 -1.25
C ARG A 96 20.12 -1.04 -2.51
N SER A 97 19.17 -1.96 -2.56
CA SER A 97 19.02 -2.87 -3.68
C SER A 97 18.08 -2.34 -4.75
N GLU A 98 17.45 -1.19 -4.52
CA GLU A 98 16.51 -0.62 -5.49
C GLU A 98 16.66 0.90 -5.55
N GLY A 99 17.90 1.38 -5.49
CA GLY A 99 18.21 2.80 -5.60
C GLY A 99 18.29 3.49 -4.25
N ALA A 100 18.07 4.80 -4.29
CA ALA A 100 18.24 5.65 -3.11
C ALA A 100 17.01 5.51 -2.21
N SER A 101 17.16 4.73 -1.13
CA SER A 101 16.06 4.39 -0.25
C SER A 101 16.53 4.36 1.20
N HIS A 102 15.61 4.70 2.09
CA HIS A 102 15.80 4.56 3.54
C HIS A 102 14.65 3.72 4.06
N TYR A 103 14.96 2.64 4.77
CA TYR A 103 13.97 1.67 5.21
C TYR A 103 13.71 1.80 6.70
N PHE A 104 12.47 2.06 7.09
CA PHE A 104 12.16 2.30 8.49
C PHE A 104 10.82 1.69 8.84
N LEU A 105 10.56 1.56 10.13
CA LEU A 105 9.37 0.90 10.66
C LEU A 105 8.44 1.91 11.33
N ASP A 106 7.14 1.69 11.17
CA ASP A 106 6.14 2.43 11.93
C ASP A 106 5.98 1.79 13.31
N PRO A 107 5.15 2.39 14.18
CA PRO A 107 5.06 1.89 15.57
C PRO A 107 4.59 0.44 15.69
N ASP A 108 3.85 -0.08 14.71
CA ASP A 108 3.38 -1.46 14.71
C ASP A 108 4.27 -2.38 13.89
N GLY A 109 5.37 -1.87 13.34
CA GLY A 109 6.22 -2.67 12.49
C GLY A 109 5.82 -2.69 11.04
N HIS A 110 4.86 -1.87 10.59
CA HIS A 110 4.66 -1.75 9.16
C HIS A 110 5.99 -1.30 8.52
N LYS A 111 6.36 -1.95 7.45
CA LYS A 111 7.60 -1.67 6.74
C LYS A 111 7.41 -0.53 5.76
N LEU A 112 8.10 0.55 6.04
CA LEU A 112 8.05 1.78 5.26
C LEU A 112 9.39 2.08 4.61
N GLU A 113 9.38 3.00 3.66
CA GLU A 113 10.55 3.36 2.88
C GLU A 113 10.39 4.79 2.41
N LEU A 114 11.50 5.54 2.43
CA LEU A 114 11.65 6.78 1.67
C LEU A 114 12.40 6.42 0.39
N HIS A 115 11.92 6.83 -0.78
CA HIS A 115 12.60 6.52 -2.02
C HIS A 115 12.65 7.73 -2.93
N VAL A 116 13.79 7.94 -3.58
CA VAL A 116 13.95 8.97 -4.58
C VAL A 116 13.90 8.32 -5.95
N GLY A 117 12.93 8.69 -6.76
CA GLY A 117 12.90 8.26 -8.15
C GLY A 117 11.61 7.57 -8.54
N SER A 118 11.29 7.65 -9.83
CA SER A 118 10.10 7.06 -10.41
C SER A 118 10.36 5.64 -10.90
N LEU A 119 9.29 4.99 -11.33
CA LEU A 119 9.43 3.68 -11.97
C LEU A 119 10.26 3.79 -13.26
N ALA A 120 10.01 4.81 -14.07
CA ALA A 120 10.81 4.99 -15.28
C ALA A 120 12.29 5.10 -14.94
N GLN A 121 12.62 5.87 -13.89
CA GLN A 121 14.02 6.02 -13.52
C GLN A 121 14.60 4.71 -13.04
N ARG A 122 13.82 3.91 -12.31
N ARG A 122 13.83 3.97 -12.25
CA ARG A 122 14.31 2.64 -11.82
CA ARG A 122 14.22 2.64 -11.82
C ARG A 122 14.51 1.64 -12.97
C ARG A 122 14.56 1.77 -13.02
N LEU A 123 13.62 1.66 -13.97
CA LEU A 123 13.82 0.81 -15.12
C LEU A 123 15.10 1.19 -15.87
N ALA A 124 15.34 2.48 -16.04
CA ALA A 124 16.56 2.92 -16.72
C ALA A 124 17.80 2.52 -15.94
N ALA A 125 17.77 2.66 -14.62
CA ALA A 125 18.93 2.23 -13.83
C ALA A 125 19.12 0.72 -13.93
N CYS A 126 18.02 -0.03 -13.97
CA CYS A 126 18.11 -1.49 -14.05
C CYS A 126 18.64 -1.97 -15.39
N ARG A 127 18.43 -1.21 -16.45
CA ARG A 127 19.01 -1.61 -17.73
C ARG A 127 20.54 -1.66 -17.64
N GLU A 128 21.14 -0.75 -16.86
CA GLU A 128 22.58 -0.74 -16.69
C GLU A 128 23.05 -1.74 -15.64
N GLN A 129 22.25 -1.89 -14.58
CA GLN A 129 22.59 -2.75 -13.44
C GLN A 129 21.35 -3.58 -13.17
N PRO A 130 21.09 -4.58 -14.01
CA PRO A 130 19.84 -5.32 -13.89
C PRO A 130 19.87 -6.30 -12.74
N TYR A 131 18.68 -6.61 -12.25
N TYR A 131 18.68 -6.61 -12.26
CA TYR A 131 18.51 -7.71 -11.32
CA TYR A 131 18.53 -7.76 -11.38
C TYR A 131 18.67 -9.03 -12.10
C TYR A 131 18.90 -9.02 -12.15
N LYS A 132 19.10 -10.09 -11.41
CA LYS A 132 19.41 -11.34 -12.08
C LYS A 132 18.23 -11.85 -12.90
N GLY A 133 18.47 -12.13 -14.18
CA GLY A 133 17.45 -12.66 -15.05
C GLY A 133 16.46 -11.64 -15.57
N MET A 134 16.76 -10.35 -15.47
CA MET A 134 15.77 -9.34 -15.76
C MET A 134 15.46 -9.25 -17.25
N VAL A 135 14.17 -9.14 -17.56
N VAL A 135 14.18 -9.14 -17.56
CA VAL A 135 13.62 -8.90 -18.89
CA VAL A 135 13.66 -8.89 -18.89
C VAL A 135 12.72 -7.68 -18.82
C VAL A 135 12.76 -7.66 -18.81
N PHE A 136 12.80 -6.85 -19.86
CA PHE A 136 12.02 -5.62 -19.97
C PHE A 136 11.00 -5.80 -21.06
N PHE A 137 9.80 -5.33 -20.81
CA PHE A 137 8.71 -5.45 -21.77
C PHE A 137 8.40 -4.09 -22.37
N MET B 1 10.08 16.71 2.60
CA MET B 1 8.60 16.58 2.59
C MET B 1 8.20 15.42 1.70
N LEU B 2 7.25 14.60 2.13
CA LEU B 2 6.84 13.46 1.33
C LEU B 2 5.77 13.89 0.35
N SER B 3 5.87 13.41 -0.88
CA SER B 3 5.00 13.90 -1.93
C SER B 3 3.99 12.91 -2.46
N GLY B 4 3.96 11.69 -1.94
CA GLY B 4 2.97 10.72 -2.35
C GLY B 4 3.49 9.31 -2.11
N LEU B 5 2.72 8.34 -2.55
CA LEU B 5 3.16 6.95 -2.54
C LEU B 5 4.09 6.73 -3.72
N ASN B 6 5.31 6.27 -3.43
CA ASN B 6 6.27 5.97 -4.47
C ASN B 6 6.00 4.60 -5.09
N HIS B 7 5.89 3.56 -4.28
CA HIS B 7 5.54 2.23 -4.76
C HIS B 7 4.95 1.42 -3.62
N LEU B 8 4.21 0.38 -4.01
CA LEU B 8 3.67 -0.65 -3.15
C LEU B 8 4.37 -1.95 -3.51
N THR B 9 4.99 -2.59 -2.53
CA THR B 9 5.64 -3.88 -2.75
C THR B 9 4.89 -4.95 -2.00
N LEU B 10 4.48 -6.00 -2.71
CA LEU B 10 3.82 -7.15 -2.11
C LEU B 10 4.78 -8.35 -2.17
N ALA B 11 5.01 -8.95 -1.01
CA ALA B 11 5.71 -10.22 -0.99
C ALA B 11 4.81 -11.32 -1.51
N VAL B 12 5.36 -12.16 -2.36
CA VAL B 12 4.60 -13.24 -2.98
C VAL B 12 5.33 -14.55 -2.79
N SER B 13 4.57 -15.64 -2.68
CA SER B 13 5.17 -16.95 -2.48
C SER B 13 5.54 -17.63 -3.80
N GLN B 14 4.81 -17.36 -4.87
CA GLN B 14 5.08 -17.94 -6.19
C GLN B 14 4.91 -16.83 -7.21
N LEU B 15 5.96 -16.54 -7.98
CA LEU B 15 5.91 -15.37 -8.84
C LEU B 15 4.95 -15.52 -10.01
N ALA B 16 4.94 -16.68 -10.67
CA ALA B 16 4.10 -16.84 -11.86
C ALA B 16 2.62 -16.64 -11.59
N PRO B 17 2.02 -17.24 -10.55
CA PRO B 17 0.59 -16.98 -10.33
C PRO B 17 0.32 -15.55 -9.93
N SER B 18 1.25 -14.91 -9.23
CA SER B 18 1.03 -13.53 -8.85
C SER B 18 1.09 -12.60 -10.06
N VAL B 19 2.04 -12.83 -10.96
CA VAL B 19 2.07 -12.06 -12.20
C VAL B 19 0.80 -12.28 -13.00
N ALA B 20 0.33 -13.53 -13.11
CA ALA B 20 -0.91 -13.80 -13.81
C ALA B 20 -2.07 -13.04 -13.21
N PHE B 21 -2.15 -13.02 -11.88
CA PHE B 21 -3.23 -12.34 -11.17
C PHE B 21 -3.22 -10.85 -11.47
N TYR B 22 -2.08 -10.19 -11.26
CA TYR B 22 -2.06 -8.74 -11.39
C TYR B 22 -2.07 -8.29 -12.84
N GLN B 23 -1.34 -8.97 -13.72
CA GLN B 23 -1.29 -8.58 -15.13
C GLN B 23 -2.54 -9.04 -15.88
N GLN B 24 -2.79 -10.35 -15.88
CA GLN B 24 -3.85 -10.88 -16.74
C GLN B 24 -5.24 -10.69 -16.14
N LEU B 25 -5.46 -11.10 -14.88
CA LEU B 25 -6.79 -10.97 -14.31
C LEU B 25 -7.13 -9.52 -14.03
N LEU B 26 -6.22 -8.79 -13.36
N LEU B 26 -6.22 -8.79 -13.38
CA LEU B 26 -6.53 -7.42 -12.98
CA LEU B 26 -6.51 -7.42 -12.97
C LEU B 26 -6.26 -6.41 -14.09
C LEU B 26 -6.12 -6.37 -13.99
N GLY B 27 -5.46 -6.76 -15.08
CA GLY B 27 -5.19 -5.86 -16.19
C GLY B 27 -4.08 -4.86 -16.01
N MET B 28 -3.20 -5.03 -15.02
CA MET B 28 -2.09 -4.10 -14.84
C MET B 28 -1.02 -4.35 -15.90
N THR B 29 -0.21 -3.31 -16.12
CA THR B 29 0.83 -3.37 -17.13
C THR B 29 2.12 -3.92 -16.54
N LEU B 30 2.65 -4.97 -17.15
CA LEU B 30 3.91 -5.59 -16.73
C LEU B 30 5.06 -4.90 -17.44
N HIS B 31 5.93 -4.24 -16.69
CA HIS B 31 7.07 -3.57 -17.27
C HIS B 31 8.36 -4.37 -17.25
N ALA B 32 8.58 -5.19 -16.24
CA ALA B 32 9.81 -5.95 -16.17
C ALA B 32 9.59 -7.11 -15.21
N ARG B 33 10.36 -8.17 -15.40
CA ARG B 33 10.34 -9.32 -14.51
C ARG B 33 11.76 -9.86 -14.42
N TRP B 34 12.13 -10.37 -13.25
CA TRP B 34 13.44 -10.94 -13.02
C TRP B 34 13.22 -12.21 -12.21
N ASP B 35 14.30 -12.89 -11.89
CA ASP B 35 14.14 -14.18 -11.24
C ASP B 35 13.37 -14.09 -9.93
N SER B 36 13.43 -12.97 -9.23
CA SER B 36 12.79 -12.87 -7.93
C SER B 36 11.80 -11.71 -7.82
N GLY B 37 11.27 -11.20 -8.92
CA GLY B 37 10.23 -10.20 -8.78
C GLY B 37 9.73 -9.68 -10.11
N ALA B 38 8.85 -8.68 -10.02
CA ALA B 38 8.28 -8.04 -11.19
C ALA B 38 7.90 -6.60 -10.84
N TYR B 39 7.90 -5.75 -11.86
CA TYR B 39 7.38 -4.39 -11.75
C TYR B 39 6.17 -4.25 -12.67
N LEU B 40 5.08 -3.74 -12.13
CA LEU B 40 3.87 -3.46 -12.86
C LEU B 40 3.43 -2.03 -12.57
N SER B 41 2.57 -1.50 -13.41
CA SER B 41 1.89 -0.24 -13.12
C SER B 41 0.40 -0.38 -13.30
N CYS B 42 -0.31 0.44 -12.55
CA CYS B 42 -1.76 0.55 -12.59
C CYS B 42 -2.05 2.04 -12.46
N GLY B 43 -2.35 2.72 -13.55
CA GLY B 43 -2.36 4.18 -13.49
C GLY B 43 -1.03 4.69 -12.94
N ASP B 44 -1.10 5.58 -11.96
N ASP B 44 -1.08 5.59 -11.96
CA ASP B 44 0.08 6.14 -11.33
CA ASP B 44 0.12 6.12 -11.33
C ASP B 44 0.62 5.27 -10.20
C ASP B 44 0.79 5.15 -10.39
N LEU B 45 0.12 4.05 -10.01
CA LEU B 45 0.69 3.14 -9.03
C LEU B 45 1.82 2.32 -9.64
N TRP B 46 2.96 2.33 -8.97
CA TRP B 46 4.08 1.42 -9.21
C TRP B 46 3.93 0.27 -8.22
N LEU B 47 3.65 -0.91 -8.73
CA LEU B 47 3.55 -2.12 -7.94
C LEU B 47 4.76 -3.00 -8.17
N CYS B 48 5.36 -3.47 -7.08
N CYS B 48 5.36 -3.46 -7.07
CA CYS B 48 6.44 -4.44 -7.15
CA CYS B 48 6.42 -4.45 -7.10
C CYS B 48 5.96 -5.73 -6.50
C CYS B 48 5.86 -5.75 -6.53
N LEU B 49 6.11 -6.85 -7.22
CA LEU B 49 5.92 -8.18 -6.68
C LEU B 49 7.30 -8.70 -6.34
N SER B 50 7.52 -9.11 -5.09
CA SER B 50 8.82 -9.58 -4.64
C SER B 50 8.69 -11.02 -4.14
N LEU B 51 9.37 -11.95 -4.82
CA LEU B 51 9.33 -13.35 -4.43
C LEU B 51 10.02 -13.49 -3.07
N ASP B 52 9.32 -14.04 -2.10
CA ASP B 52 9.81 -14.07 -0.73
C ASP B 52 9.43 -15.40 -0.10
N PRO B 53 10.37 -16.27 0.23
N PRO B 53 10.42 -16.24 0.21
CA PRO B 53 9.97 -17.53 0.86
CA PRO B 53 10.14 -17.51 0.91
C PRO B 53 9.31 -17.31 2.21
C PRO B 53 9.50 -17.35 2.27
N GLN B 54 9.50 -16.14 2.83
CA GLN B 54 8.85 -15.88 4.09
C GLN B 54 7.35 -15.64 3.91
N ARG B 55 6.87 -15.40 2.69
CA ARG B 55 5.44 -15.14 2.54
C ARG B 55 4.62 -16.40 2.77
N ARG B 56 3.67 -16.33 3.67
N ARG B 56 3.67 -16.33 3.70
CA ARG B 56 2.73 -17.41 3.92
CA ARG B 56 2.70 -17.38 3.94
C ARG B 56 1.41 -17.11 3.20
C ARG B 56 1.43 -17.09 3.15
N VAL B 57 0.82 -18.14 2.60
CA VAL B 57 -0.52 -18.01 2.03
C VAL B 57 -1.48 -17.89 3.23
N THR B 58 -2.02 -16.70 3.44
CA THR B 58 -2.60 -16.36 4.73
C THR B 58 -4.11 -16.24 4.67
N PRO B 59 -4.85 -17.09 5.38
CA PRO B 59 -6.30 -16.94 5.40
C PRO B 59 -6.69 -15.59 5.95
N PRO B 60 -7.84 -15.04 5.50
CA PRO B 60 -8.19 -13.67 5.89
C PRO B 60 -8.52 -13.52 7.36
N GLU B 61 -8.95 -14.60 8.00
CA GLU B 61 -9.19 -14.56 9.43
C GLU B 61 -7.88 -14.44 10.22
N GLU B 62 -6.74 -14.72 9.60
CA GLU B 62 -5.45 -14.73 10.28
C GLU B 62 -4.60 -13.50 9.98
N SER B 63 -5.10 -12.55 9.21
CA SER B 63 -4.41 -11.30 8.97
C SER B 63 -5.27 -10.16 9.49
N ASP B 64 -4.61 -9.04 9.76
CA ASP B 64 -5.31 -7.85 10.22
C ASP B 64 -5.94 -7.12 9.02
N TYR B 65 -6.53 -5.96 9.29
CA TYR B 65 -7.35 -5.21 8.34
C TYR B 65 -6.53 -4.42 7.34
N THR B 66 -5.20 -4.46 7.39
CA THR B 66 -4.40 -3.76 6.40
C THR B 66 -4.80 -4.20 4.99
N HIS B 67 -5.04 -3.24 4.09
CA HIS B 67 -5.52 -3.60 2.76
C HIS B 67 -5.22 -2.49 1.77
N TYR B 68 -5.33 -2.86 0.50
CA TYR B 68 -4.92 -2.03 -0.64
C TYR B 68 -6.11 -1.90 -1.57
N ALA B 69 -6.60 -0.69 -1.77
CA ALA B 69 -7.77 -0.44 -2.60
C ALA B 69 -7.35 0.18 -3.92
N PHE B 70 -7.90 -0.35 -5.02
CA PHE B 70 -7.66 0.17 -6.36
C PHE B 70 -8.88 0.95 -6.84
N SER B 71 -8.63 2.03 -7.58
CA SER B 71 -9.72 2.84 -8.12
C SER B 71 -10.28 2.20 -9.38
N ILE B 72 -11.60 2.32 -9.50
CA ILE B 72 -12.35 1.91 -10.68
C ILE B 72 -13.53 2.86 -10.80
N SER B 73 -14.01 3.07 -12.02
CA SER B 73 -15.21 3.90 -12.16
C SER B 73 -16.46 3.12 -11.73
N GLU B 74 -17.49 3.87 -11.34
CA GLU B 74 -18.76 3.25 -11.03
C GLU B 74 -19.27 2.45 -12.22
N ALA B 75 -19.11 2.97 -13.43
CA ALA B 75 -19.63 2.29 -14.60
C ALA B 75 -18.94 0.94 -14.85
N ASP B 76 -17.68 0.81 -14.46
CA ASP B 76 -16.95 -0.43 -14.70
C ASP B 76 -16.98 -1.41 -13.52
N PHE B 77 -17.45 -0.96 -12.36
CA PHE B 77 -17.34 -1.73 -11.13
C PHE B 77 -17.99 -3.10 -11.23
N ALA B 78 -19.27 -3.16 -11.66
CA ALA B 78 -20.01 -4.42 -11.58
C ALA B 78 -19.41 -5.49 -12.50
N SER B 79 -18.96 -5.10 -13.69
N SER B 79 -19.01 -5.08 -13.71
CA SER B 79 -18.41 -6.10 -14.59
CA SER B 79 -18.38 -6.03 -14.61
C SER B 79 -17.04 -6.57 -14.13
C SER B 79 -17.10 -6.59 -14.01
N PHE B 80 -16.28 -5.71 -13.43
CA PHE B 80 -14.99 -6.15 -12.90
C PHE B 80 -15.20 -7.09 -11.72
N ALA B 81 -16.13 -6.76 -10.83
CA ALA B 81 -16.49 -7.68 -9.76
C ALA B 81 -16.94 -9.02 -10.32
N ALA B 82 -17.73 -9.02 -11.39
CA ALA B 82 -18.19 -10.27 -11.97
C ALA B 82 -17.05 -11.07 -12.57
N ARG B 83 -16.04 -10.38 -13.15
CA ARG B 83 -14.84 -11.05 -13.64
C ARG B 83 -14.12 -11.77 -12.52
N LEU B 84 -13.92 -11.09 -11.39
CA LEU B 84 -13.26 -11.71 -10.25
C LEU B 84 -14.06 -12.89 -9.75
N GLU B 85 -15.39 -12.76 -9.71
N GLU B 85 -15.39 -12.76 -9.71
CA GLU B 85 -16.23 -13.86 -9.28
CA GLU B 85 -16.20 -13.87 -9.27
C GLU B 85 -16.12 -15.05 -10.24
C GLU B 85 -16.12 -15.06 -10.23
N ALA B 86 -16.13 -14.80 -11.54
CA ALA B 86 -16.01 -15.88 -12.51
C ALA B 86 -14.69 -16.63 -12.32
N ALA B 87 -13.63 -15.91 -12.00
CA ALA B 87 -12.32 -16.50 -11.76
C ALA B 87 -12.21 -17.17 -10.39
N GLY B 88 -13.26 -17.14 -9.58
CA GLY B 88 -13.23 -17.80 -8.30
C GLY B 88 -12.43 -17.07 -7.24
N VAL B 89 -12.25 -15.77 -7.38
CA VAL B 89 -11.47 -15.01 -6.41
C VAL B 89 -12.30 -14.84 -5.14
N ALA B 90 -11.72 -15.16 -4.01
CA ALA B 90 -12.44 -15.08 -2.75
C ALA B 90 -12.68 -13.65 -2.27
N VAL B 91 -13.82 -13.46 -1.62
CA VAL B 91 -14.21 -12.20 -1.00
C VAL B 91 -13.97 -12.32 0.50
N TRP B 92 -13.43 -11.27 1.11
CA TRP B 92 -13.11 -11.28 2.53
C TRP B 92 -14.00 -10.39 3.40
N LYS B 93 -14.90 -9.61 2.80
CA LYS B 93 -15.75 -8.67 3.52
C LYS B 93 -16.86 -8.25 2.60
N LEU B 94 -18.05 -7.95 3.14
CA LEU B 94 -19.11 -7.27 2.40
C LEU B 94 -19.03 -5.75 2.60
N ASN B 95 -19.43 -4.99 1.58
CA ASN B 95 -19.47 -3.54 1.70
C ASN B 95 -20.63 -3.04 2.56
N ARG B 96 -20.32 -2.17 3.54
CA ARG B 96 -21.29 -1.49 4.38
C ARG B 96 -21.00 0.02 4.51
N SER B 97 -20.20 0.60 3.62
N SER B 97 -20.25 0.61 3.59
CA SER B 97 -19.76 1.99 3.73
CA SER B 97 -19.80 1.99 3.72
C SER B 97 -20.10 2.72 2.43
C SER B 97 -20.02 2.70 2.40
N GLU B 98 -19.87 4.03 2.41
CA GLU B 98 -20.22 4.81 1.23
C GLU B 98 -19.27 4.54 0.08
N GLY B 99 -19.84 4.54 -1.12
CA GLY B 99 -19.08 4.21 -2.30
C GLY B 99 -19.03 2.72 -2.52
N ALA B 100 -19.18 2.31 -3.75
CA ALA B 100 -19.06 0.90 -4.07
C ALA B 100 -17.68 0.35 -3.68
N SER B 101 -17.68 -0.85 -3.10
CA SER B 101 -16.44 -1.53 -2.72
C SER B 101 -16.64 -3.02 -2.88
N HIS B 102 -15.62 -3.67 -3.43
CA HIS B 102 -15.57 -5.12 -3.57
C HIS B 102 -14.28 -5.58 -2.91
N TYR B 103 -14.38 -6.45 -1.92
CA TYR B 103 -13.23 -6.83 -1.09
C TYR B 103 -12.77 -8.24 -1.43
N PHE B 104 -11.58 -8.37 -2.01
CA PHE B 104 -11.13 -9.63 -2.58
C PHE B 104 -9.70 -9.92 -2.19
N LEU B 105 -9.33 -11.21 -2.28
CA LEU B 105 -8.01 -11.68 -1.87
C LEU B 105 -7.12 -12.00 -3.07
N ASP B 106 -5.83 -11.69 -2.95
CA ASP B 106 -4.86 -12.13 -3.94
C ASP B 106 -4.43 -13.56 -3.62
N PRO B 107 -3.60 -14.18 -4.49
CA PRO B 107 -3.25 -15.60 -4.29
C PRO B 107 -2.56 -15.92 -2.97
N ASP B 108 -1.91 -14.95 -2.35
CA ASP B 108 -1.24 -15.14 -1.07
C ASP B 108 -2.06 -14.65 0.10
N GLY B 109 -3.28 -14.18 -0.15
CA GLY B 109 -4.11 -13.64 0.90
C GLY B 109 -3.92 -12.17 1.16
N HIS B 110 -3.19 -11.44 0.31
CA HIS B 110 -3.19 -9.99 0.47
C HIS B 110 -4.61 -9.49 0.30
N LYS B 111 -5.01 -8.60 1.20
CA LYS B 111 -6.36 -8.04 1.20
C LYS B 111 -6.45 -6.86 0.24
N LEU B 112 -7.27 -7.01 -0.79
CA LEU B 112 -7.46 -6.01 -1.83
C LEU B 112 -8.90 -5.51 -1.82
N GLU B 113 -9.11 -4.40 -2.52
CA GLU B 113 -10.42 -3.79 -2.62
C GLU B 113 -10.51 -3.07 -3.96
N LEU B 114 -11.68 -3.11 -4.58
CA LEU B 114 -12.05 -2.17 -5.63
C LEU B 114 -12.92 -1.11 -4.96
N HIS B 115 -12.59 0.16 -5.11
CA HIS B 115 -13.42 1.21 -4.53
C HIS B 115 -13.70 2.30 -5.55
N VAL B 116 -14.92 2.81 -5.50
CA VAL B 116 -15.36 3.97 -6.25
C VAL B 116 -15.54 5.13 -5.28
N GLY B 117 -14.73 6.17 -5.44
CA GLY B 117 -14.88 7.36 -4.63
C GLY B 117 -13.57 7.82 -4.04
N SER B 118 -13.44 9.13 -3.91
CA SER B 118 -12.26 9.81 -3.43
C SER B 118 -12.31 10.07 -1.92
N LEU B 119 -11.17 10.53 -1.39
CA LEU B 119 -11.12 11.02 -0.02
C LEU B 119 -12.09 12.18 0.16
N ALA B 120 -12.11 13.11 -0.79
CA ALA B 120 -13.03 14.24 -0.68
C ALA B 120 -14.47 13.76 -0.56
N GLN B 121 -14.86 12.76 -1.34
CA GLN B 121 -16.22 12.24 -1.28
C GLN B 121 -16.49 11.61 0.08
N ARG B 122 -15.53 10.85 0.60
CA ARG B 122 -15.70 10.25 1.91
C ARG B 122 -15.82 11.31 2.99
N LEU B 123 -14.98 12.34 2.95
CA LEU B 123 -15.03 13.38 3.97
C LEU B 123 -16.35 14.13 3.91
N ALA B 124 -16.88 14.40 2.71
CA ALA B 124 -18.17 15.06 2.60
C ALA B 124 -19.27 14.22 3.24
N ALA B 125 -19.26 12.91 2.99
CA ALA B 125 -20.25 12.02 3.59
C ALA B 125 -20.10 12.01 5.11
N CYS B 126 -18.88 11.98 5.60
CA CYS B 126 -18.62 11.98 7.03
C CYS B 126 -19.03 13.27 7.70
N ARG B 127 -18.88 14.41 7.03
N ARG B 127 -18.86 14.42 7.03
CA ARG B 127 -19.31 15.67 7.62
CA ARG B 127 -19.32 15.67 7.62
C ARG B 127 -20.82 15.69 7.83
C ARG B 127 -20.82 15.61 7.88
N GLU B 128 -21.58 15.04 6.94
CA GLU B 128 -23.01 14.95 7.10
C GLU B 128 -23.43 13.92 8.15
N GLN B 129 -22.65 12.86 8.32
CA GLN B 129 -23.00 11.76 9.23
C GLN B 129 -21.72 11.30 9.90
N PRO B 130 -21.22 12.05 10.88
CA PRO B 130 -19.89 11.74 11.42
C PRO B 130 -19.87 10.44 12.19
N TYR B 131 -18.74 9.73 12.06
CA TYR B 131 -18.50 8.55 12.87
C TYR B 131 -18.38 8.93 14.35
N LYS B 132 -18.53 7.94 15.22
CA LYS B 132 -18.43 8.20 16.65
C LYS B 132 -17.08 8.78 17.01
N GLY B 133 -17.10 9.92 17.67
CA GLY B 133 -15.90 10.60 18.07
C GLY B 133 -15.20 11.39 16.99
N MET B 134 -15.85 11.62 15.86
CA MET B 134 -15.17 12.22 14.73
C MET B 134 -14.92 13.71 14.90
N VAL B 135 -13.70 14.09 14.58
N VAL B 135 -13.71 14.13 14.60
CA VAL B 135 -13.17 15.46 14.56
CA VAL B 135 -13.36 15.54 14.51
C VAL B 135 -12.56 15.69 13.18
C VAL B 135 -12.52 15.75 13.26
N PHE B 136 -12.74 16.90 12.65
CA PHE B 136 -12.17 17.29 11.38
C PHE B 136 -11.10 18.34 11.62
N PHE B 137 -10.13 18.39 10.72
CA PHE B 137 -9.03 19.33 10.80
C PHE B 137 -8.90 20.10 9.50
#